data_2O6X
#
_entry.id   2O6X
#
_cell.length_a   57.271
_cell.length_b   105.961
_cell.length_c   49.180
_cell.angle_alpha   90.000
_cell.angle_beta   90.000
_cell.angle_gamma   90.000
#
_symmetry.space_group_name_H-M   'P 21 21 2'
#
loop_
_entity.id
_entity.type
_entity.pdbx_description
1 polymer 'Secreted cathepsin L 1'
2 water water
#
_entity_poly.entity_id   1
_entity_poly.type   'polypeptide(L)'
_entity_poly.pdbx_seq_one_letter_code
;NDDLWHQWKRMYNKEYNGADDQHRRNIWEKNVKHIQEHNLRHDLGLVTYTLGLNQFTDMTFEEFKAKYLTEMSRASDILS
HGVPYEANNRAVPDKIDWRESGYVTEVKDQGNCGSGWAFSTTGTMEGQYMKNERTSISFSEQQLVDCSRPWGNNGCGGGL
MENAYQYLKQFGLETESSYPYTAVEGQCRYNKQLGVAKVTGFYTVHSGSEVELKNLVGAEGPAAVAVDVESDFMMYRSGI
YQSQTCSPLRVNHAVLAVGYGTQGGTDYWIVKNSWGLSWGERGYIRMVRNRGNMCGIASLASLPMVARFP
;
_entity_poly.pdbx_strand_id   A
#
# COMPACT_ATOMS: atom_id res chain seq x y z
N ASN A 1 4.18 -31.61 -7.65
CA ASN A 1 3.42 -30.34 -7.36
C ASN A 1 1.94 -30.38 -7.80
N ASP A 2 1.48 -31.50 -8.37
CA ASP A 2 0.09 -31.61 -8.85
C ASP A 2 -0.89 -31.34 -7.74
N ASP A 3 -0.65 -32.00 -6.61
CA ASP A 3 -1.53 -31.88 -5.48
C ASP A 3 -1.70 -30.40 -5.09
N LEU A 4 -0.54 -29.78 -4.96
CA LEU A 4 -0.39 -28.45 -4.44
C LEU A 4 -0.98 -27.45 -5.43
N TRP A 5 -0.80 -27.67 -6.75
CA TRP A 5 -1.44 -26.76 -7.71
C TRP A 5 -2.96 -26.70 -7.55
N HIS A 6 -3.58 -27.89 -7.44
CA HIS A 6 -5.04 -27.92 -7.29
C HIS A 6 -5.46 -27.28 -5.97
N GLN A 7 -4.70 -27.50 -4.91
CA GLN A 7 -5.02 -26.87 -3.61
C GLN A 7 -4.88 -25.35 -3.66
N TRP A 8 -3.82 -24.89 -4.29
CA TRP A 8 -3.60 -23.46 -4.47
C TRP A 8 -4.77 -22.83 -5.26
N LYS A 9 -5.19 -23.50 -6.35
CA LYS A 9 -6.29 -22.97 -7.10
C LYS A 9 -7.60 -22.90 -6.26
N ARG A 10 -7.84 -23.90 -5.43
CA ARG A 10 -9.02 -23.93 -4.52
C ARG A 10 -8.93 -22.78 -3.52
N MET A 11 -7.74 -22.60 -2.97
CA MET A 11 -7.52 -21.61 -1.93
CA MET A 11 -7.56 -21.56 -1.98
C MET A 11 -7.85 -20.19 -2.47
N TYR A 12 -7.55 -19.94 -3.74
CA TYR A 12 -7.68 -18.62 -4.26
C TYR A 12 -8.80 -18.52 -5.31
N ASN A 13 -9.62 -19.57 -5.38
CA ASN A 13 -10.76 -19.68 -6.31
C ASN A 13 -10.39 -19.36 -7.75
N LYS A 14 -9.34 -20.04 -8.20
CA LYS A 14 -8.80 -19.78 -9.51
C LYS A 14 -9.37 -20.84 -10.40
N GLU A 15 -9.87 -20.40 -11.54
CA GLU A 15 -10.48 -21.33 -12.47
C GLU A 15 -9.99 -20.94 -13.86
N TYR A 16 -9.46 -21.89 -14.62
CA TYR A 16 -8.97 -21.54 -15.96
C TYR A 16 -9.55 -22.43 -17.00
N ASN A 17 -9.72 -21.85 -18.19
CA ASN A 17 -10.07 -22.61 -19.38
C ASN A 17 -8.92 -23.50 -19.85
N GLY A 18 -9.19 -24.29 -20.87
CA GLY A 18 -8.21 -25.26 -21.36
C GLY A 18 -7.05 -24.53 -21.99
N ALA A 19 -7.36 -23.37 -22.59
CA ALA A 19 -6.35 -22.57 -23.29
C ALA A 19 -5.34 -21.96 -22.31
N ASP A 20 -5.74 -21.79 -21.05
CA ASP A 20 -4.93 -21.09 -20.06
C ASP A 20 -4.30 -21.97 -18.98
N ASP A 21 -4.87 -23.14 -18.60
CA ASP A 21 -4.48 -23.82 -17.35
C ASP A 21 -3.01 -24.21 -17.41
N GLN A 22 -2.58 -24.79 -18.52
CA GLN A 22 -1.18 -25.14 -18.59
C GLN A 22 -0.18 -23.98 -18.54
N HIS A 23 -0.52 -22.86 -19.17
CA HIS A 23 0.38 -21.72 -19.10
C HIS A 23 0.44 -21.12 -17.70
N ARG A 24 -0.70 -21.11 -17.03
CA ARG A 24 -0.73 -20.63 -15.68
C ARG A 24 0.01 -21.57 -14.75
N ARG A 25 -0.14 -22.88 -14.97
CA ARG A 25 0.63 -23.82 -14.16
C ARG A 25 2.12 -23.58 -14.36
N ASN A 26 2.52 -23.32 -15.61
CA ASN A 26 3.93 -23.11 -15.85
C ASN A 26 4.49 -21.90 -15.15
N ILE A 27 3.76 -20.80 -15.17
CA ILE A 27 4.15 -19.60 -14.43
C ILE A 27 4.23 -19.88 -12.93
N TRP A 28 3.20 -20.56 -12.41
CA TRP A 28 3.15 -20.89 -11.02
C TRP A 28 4.36 -21.74 -10.64
N GLU A 29 4.69 -22.74 -11.47
CA GLU A 29 5.84 -23.58 -11.14
C GLU A 29 7.15 -22.80 -11.09
N LYS A 30 7.33 -21.88 -12.04
CA LYS A 30 8.56 -21.10 -12.10
C LYS A 30 8.63 -20.26 -10.83
N ASN A 31 7.50 -19.64 -10.47
CA ASN A 31 7.49 -18.83 -9.26
C ASN A 31 7.72 -19.64 -7.99
N VAL A 32 7.10 -20.80 -7.90
CA VAL A 32 7.32 -21.70 -6.79
C VAL A 32 8.80 -22.11 -6.66
N LYS A 33 9.46 -22.38 -7.78
CA LYS A 33 10.90 -22.73 -7.74
C LYS A 33 11.70 -21.62 -7.15
N HIS A 34 11.35 -20.39 -7.50
CA HIS A 34 12.07 -19.22 -6.97
C HIS A 34 11.80 -19.06 -5.48
N ILE A 35 10.53 -19.19 -5.07
CA ILE A 35 10.20 -19.09 -3.65
C ILE A 35 11.02 -20.13 -2.86
N GLN A 36 11.09 -21.36 -3.37
CA GLN A 36 11.75 -22.46 -2.61
C GLN A 36 13.24 -22.18 -2.50
N GLU A 37 13.84 -21.72 -3.61
CA GLU A 37 15.27 -21.39 -3.60
C GLU A 37 15.56 -20.24 -2.64
N HIS A 38 14.74 -19.18 -2.73
CA HIS A 38 14.96 -18.03 -1.89
C HIS A 38 14.86 -18.37 -0.42
N ASN A 39 13.87 -19.19 -0.07
CA ASN A 39 13.61 -19.42 1.31
C ASN A 39 14.69 -20.27 2.00
N LEU A 40 15.34 -21.11 1.23
CA LEU A 40 16.47 -21.85 1.82
CA LEU A 40 16.54 -21.86 1.62
C LEU A 40 17.59 -20.89 2.15
N ARG A 41 17.80 -19.86 1.34
CA ARG A 41 18.83 -18.86 1.68
C ARG A 41 18.49 -18.13 2.97
N HIS A 42 17.22 -17.82 3.16
CA HIS A 42 16.81 -17.25 4.44
C HIS A 42 17.15 -18.15 5.65
N ASP A 43 17.03 -19.47 5.50
CA ASP A 43 17.27 -20.36 6.60
C ASP A 43 18.75 -20.33 7.03
N LEU A 44 19.59 -19.98 6.09
CA LEU A 44 21.06 -19.83 6.29
C LEU A 44 21.48 -18.41 6.67
N GLY A 45 20.51 -17.52 6.75
CA GLY A 45 20.80 -16.18 7.17
C GLY A 45 21.38 -15.31 6.07
N LEU A 46 21.18 -15.66 4.80
CA LEU A 46 21.73 -14.93 3.67
C LEU A 46 20.84 -13.80 3.13
N VAL A 47 19.59 -13.79 3.58
CA VAL A 47 18.58 -12.77 3.18
C VAL A 47 17.69 -12.61 4.38
N THR A 48 17.04 -11.44 4.54
CA THR A 48 16.35 -11.14 5.76
C THR A 48 14.83 -11.26 5.64
N TYR A 49 14.31 -11.72 4.50
CA TYR A 49 12.89 -11.93 4.33
C TYR A 49 12.64 -13.23 3.61
N THR A 50 11.42 -13.73 3.75
CA THR A 50 10.98 -14.88 2.97
C THR A 50 9.91 -14.53 1.95
N LEU A 51 9.69 -15.43 1.02
CA LEU A 51 8.68 -15.36 -0.01
C LEU A 51 7.62 -16.42 0.28
N GLY A 52 6.46 -16.28 -0.35
CA GLY A 52 5.41 -17.29 -0.16
C GLY A 52 4.41 -17.28 -1.29
N LEU A 53 3.60 -18.34 -1.31
CA LEU A 53 2.47 -18.42 -2.20
C LEU A 53 1.38 -17.45 -1.75
N ASN A 54 0.69 -16.92 -2.73
CA ASN A 54 -0.40 -15.98 -2.49
C ASN A 54 -1.24 -15.92 -3.72
N GLN A 55 -2.20 -15.00 -3.82
CA GLN A 55 -3.09 -14.94 -4.93
C GLN A 55 -2.43 -14.54 -6.25
N PHE A 56 -1.16 -14.16 -6.23
CA PHE A 56 -0.45 -13.67 -7.39
C PHE A 56 0.50 -14.74 -7.98
N THR A 57 0.56 -15.92 -7.38
CA THR A 57 1.66 -16.86 -7.73
C THR A 57 1.58 -17.39 -9.17
N ASP A 58 0.41 -17.31 -9.78
CA ASP A 58 0.24 -17.71 -11.19
C ASP A 58 0.38 -16.57 -12.18
N MET A 59 0.91 -15.44 -11.69
CA MET A 59 1.17 -14.25 -12.53
C MET A 59 2.63 -14.05 -12.75
N THR A 60 2.97 -13.52 -13.93
CA THR A 60 4.33 -13.02 -14.10
C THR A 60 4.42 -11.64 -13.49
N PHE A 61 5.62 -11.24 -13.12
CA PHE A 61 5.77 -9.91 -12.58
C PHE A 61 5.39 -8.85 -13.64
N GLU A 62 5.70 -9.10 -14.91
CA GLU A 62 5.34 -8.12 -15.92
C GLU A 62 3.84 -7.95 -16.02
N GLU A 63 3.08 -9.05 -15.87
CA GLU A 63 1.62 -8.99 -15.84
C GLU A 63 1.13 -8.18 -14.63
N PHE A 64 1.70 -8.51 -13.48
CA PHE A 64 1.35 -7.83 -12.25
C PHE A 64 1.57 -6.31 -12.37
N LYS A 65 2.76 -5.98 -12.83
CA LYS A 65 3.14 -4.58 -13.02
C LYS A 65 2.15 -3.87 -13.94
N ALA A 66 1.77 -4.51 -15.03
CA ALA A 66 0.82 -3.85 -15.95
C ALA A 66 -0.52 -3.58 -15.31
N LYS A 67 -0.94 -4.48 -14.44
CA LYS A 67 -2.20 -4.35 -13.77
C LYS A 67 -2.24 -3.38 -12.61
N TYR A 68 -1.23 -3.45 -11.75
CA TYR A 68 -1.25 -2.73 -10.48
C TYR A 68 -0.33 -1.59 -10.32
N LEU A 69 0.71 -1.48 -11.13
CA LEU A 69 1.80 -0.55 -10.84
C LEU A 69 1.86 0.55 -11.88
N THR A 70 2.19 1.75 -11.45
CA THR A 70 2.36 2.87 -12.37
CA THR A 70 2.41 2.83 -12.39
C THR A 70 3.34 3.86 -11.75
N GLU A 71 4.17 4.48 -12.57
CA GLU A 71 5.13 5.44 -12.05
C GLU A 71 4.41 6.65 -11.43
N MET A 72 4.68 6.88 -10.18
CA MET A 72 3.99 7.93 -9.43
C MET A 72 4.76 9.19 -9.19
N SER A 73 6.07 9.14 -9.30
CA SER A 73 6.86 10.32 -8.86
C SER A 73 7.31 11.10 -10.05
N ARG A 74 7.54 12.38 -9.85
CA ARG A 74 8.06 13.23 -10.92
C ARG A 74 9.02 14.19 -10.26
N ALA A 75 9.87 14.83 -11.06
CA ALA A 75 10.91 15.70 -10.48
C ALA A 75 10.27 16.90 -9.81
N SER A 76 9.11 17.28 -10.34
CA SER A 76 8.23 18.32 -9.78
C SER A 76 7.94 18.15 -8.25
N ASP A 77 8.01 16.90 -7.78
CA ASP A 77 7.70 16.54 -6.40
C ASP A 77 8.60 17.16 -5.36
N ILE A 78 9.76 17.61 -5.79
CA ILE A 78 10.73 18.17 -4.87
C ILE A 78 10.13 19.25 -3.99
N LEU A 79 9.25 20.06 -4.58
CA LEU A 79 8.52 21.16 -3.93
C LEU A 79 7.03 20.81 -3.83
N SER A 80 6.53 20.43 -2.66
CA SER A 80 5.17 19.85 -2.62
C SER A 80 4.15 20.94 -2.59
N HIS A 81 2.88 20.57 -2.75
CA HIS A 81 1.78 21.53 -2.53
C HIS A 81 1.20 21.42 -1.14
N GLY A 82 1.90 20.74 -0.26
CA GLY A 82 1.56 20.79 1.15
C GLY A 82 2.64 21.50 1.93
N VAL A 83 2.81 21.10 3.18
CA VAL A 83 3.74 21.66 4.12
C VAL A 83 4.79 20.58 4.37
N PRO A 84 6.04 20.84 3.99
CA PRO A 84 7.06 19.83 4.26
C PRO A 84 7.28 19.62 5.75
N TYR A 85 7.39 18.36 6.18
CA TYR A 85 7.46 18.11 7.59
C TYR A 85 8.89 18.15 8.07
N GLU A 86 9.09 18.93 9.14
CA GLU A 86 10.20 18.77 10.13
C GLU A 86 9.70 18.87 11.59
N ALA A 91 11.15 14.85 18.03
CA ALA A 91 10.81 14.52 19.44
C ALA A 91 9.79 13.36 19.60
N VAL A 92 10.15 12.18 19.08
CA VAL A 92 9.20 11.06 18.91
C VAL A 92 9.75 9.77 19.51
N PRO A 93 8.86 8.80 19.77
CA PRO A 93 9.38 7.55 20.30
C PRO A 93 10.28 6.78 19.35
N ASP A 94 11.13 5.93 19.92
CA ASP A 94 12.04 5.14 19.09
C ASP A 94 11.32 4.03 18.39
N LYS A 95 10.14 3.64 18.88
CA LYS A 95 9.31 2.66 18.17
C LYS A 95 7.86 3.08 18.32
N ILE A 96 7.07 2.77 17.30
CA ILE A 96 5.66 3.03 17.39
C ILE A 96 4.88 2.11 16.43
N ASP A 97 3.65 1.74 16.83
CA ASP A 97 2.77 0.96 15.98
C ASP A 97 1.34 1.43 16.19
N TRP A 98 0.86 2.25 15.25
CA TRP A 98 -0.43 2.87 15.46
C TRP A 98 -1.59 1.87 15.45
N ARG A 99 -1.34 0.61 15.04
CA ARG A 99 -2.37 -0.44 15.25
C ARG A 99 -2.74 -0.54 16.73
N GLU A 100 -1.76 -0.28 17.59
CA GLU A 100 -1.96 -0.47 19.05
C GLU A 100 -2.89 0.60 19.63
N SER A 101 -3.05 1.70 18.91
CA SER A 101 -3.94 2.76 19.33
C SER A 101 -5.35 2.65 18.77
N GLY A 102 -5.58 1.66 17.90
CA GLY A 102 -6.88 1.52 17.29
C GLY A 102 -7.12 2.39 16.08
N TYR A 103 -6.06 3.00 15.55
CA TYR A 103 -6.19 4.00 14.46
C TYR A 103 -6.07 3.42 13.06
N VAL A 104 -6.02 2.10 12.95
CA VAL A 104 -5.83 1.40 11.67
C VAL A 104 -6.90 0.36 11.48
N THR A 105 -7.62 0.43 10.36
CA THR A 105 -8.61 -0.56 10.00
C THR A 105 -7.94 -1.87 9.54
N GLU A 106 -8.72 -2.95 9.50
CA GLU A 106 -8.20 -4.20 8.99
C GLU A 106 -7.77 -4.01 7.53
N VAL A 107 -6.84 -4.86 7.11
CA VAL A 107 -6.32 -4.92 5.78
C VAL A 107 -7.45 -5.21 4.81
N LYS A 108 -7.48 -4.41 3.75
CA LYS A 108 -8.46 -4.50 2.68
C LYS A 108 -7.77 -5.12 1.44
N ASP A 109 -8.55 -5.29 0.37
CA ASP A 109 -8.11 -5.94 -0.86
C ASP A 109 -8.55 -5.14 -2.05
N GLN A 110 -7.60 -4.56 -2.77
CA GLN A 110 -7.94 -3.77 -3.92
C GLN A 110 -8.47 -4.57 -5.10
N GLY A 111 -8.27 -5.87 -5.05
CA GLY A 111 -8.79 -6.69 -6.14
C GLY A 111 -8.16 -6.39 -7.49
N ASN A 112 -8.95 -6.57 -8.56
CA ASN A 112 -8.47 -6.46 -9.92
C ASN A 112 -8.46 -5.02 -10.41
N CYS A 113 -7.67 -4.17 -9.76
CA CYS A 113 -7.73 -2.72 -9.93
C CYS A 113 -6.43 -2.16 -9.37
N GLY A 114 -5.79 -1.24 -10.11
CA GLY A 114 -4.57 -0.58 -9.71
C GLY A 114 -4.85 0.62 -8.80
N SER A 115 -5.57 0.41 -7.72
CA SER A 115 -6.10 1.46 -6.85
C SER A 115 -5.40 1.58 -5.49
N GLY A 116 -4.15 1.12 -5.38
CA GLY A 116 -3.47 1.26 -4.11
C GLY A 116 -3.48 2.66 -3.55
N TRP A 117 -3.29 3.65 -4.44
CA TRP A 117 -3.33 5.07 -4.09
C TRP A 117 -4.59 5.42 -3.35
N ALA A 118 -5.69 4.77 -3.69
CA ALA A 118 -6.96 5.11 -3.01
C ALA A 118 -7.05 4.50 -1.61
N PHE A 119 -6.51 3.30 -1.47
CA PHE A 119 -6.40 2.67 -0.14
C PHE A 119 -5.41 3.41 0.76
N SER A 120 -4.32 3.87 0.19
CA SER A 120 -3.33 4.64 0.96
C SER A 120 -4.00 5.90 1.46
N THR A 121 -4.75 6.56 0.58
CA THR A 121 -5.48 7.78 0.99
C THR A 121 -6.48 7.49 2.10
N THR A 122 -7.32 6.49 1.90
CA THR A 122 -8.30 6.21 2.94
C THR A 122 -7.67 5.77 4.24
N GLY A 123 -6.53 5.07 4.16
CA GLY A 123 -5.85 4.62 5.36
C GLY A 123 -5.30 5.77 6.18
N THR A 124 -4.70 6.75 5.51
CA THR A 124 -4.13 7.90 6.27
C THR A 124 -5.27 8.76 6.79
N MET A 125 -6.34 8.90 5.98
CA MET A 125 -7.52 9.62 6.47
C MET A 125 -8.17 8.94 7.70
N GLU A 126 -8.28 7.61 7.65
CA GLU A 126 -8.85 6.81 8.75
C GLU A 126 -8.06 7.10 10.04
N GLY A 127 -6.74 7.08 9.90
CA GLY A 127 -5.89 7.31 11.05
C GLY A 127 -6.14 8.64 11.71
N GLN A 128 -6.22 9.66 10.89
CA GLN A 128 -6.45 10.99 11.45
C GLN A 128 -7.86 11.14 12.04
N TYR A 129 -8.86 10.70 11.31
CA TYR A 129 -10.21 10.85 11.77
C TYR A 129 -10.41 10.09 13.09
N MET A 130 -9.91 8.86 13.17
CA MET A 130 -10.11 8.06 14.39
C MET A 130 -9.38 8.69 15.57
N LYS A 131 -8.19 9.20 15.31
CA LYS A 131 -7.47 9.91 16.35
C LYS A 131 -8.18 11.17 16.82
N ASN A 132 -8.65 11.96 15.90
CA ASN A 132 -9.26 13.25 16.23
C ASN A 132 -10.65 13.11 16.83
N GLU A 133 -11.41 12.09 16.43
CA GLU A 133 -12.81 11.92 16.83
C GLU A 133 -13.07 10.81 17.80
N ARG A 134 -12.08 9.97 18.06
CA ARG A 134 -12.22 8.89 19.05
C ARG A 134 -13.39 7.95 18.75
N THR A 135 -13.50 7.54 17.48
CA THR A 135 -14.53 6.67 17.03
C THR A 135 -14.03 5.93 15.82
N SER A 136 -14.72 4.87 15.48
CA SER A 136 -14.37 4.01 14.35
C SER A 136 -14.87 4.58 13.06
N ILE A 137 -14.05 4.47 12.01
CA ILE A 137 -14.51 4.81 10.69
C ILE A 137 -13.73 3.97 9.66
N SER A 138 -14.36 3.74 8.50
CA SER A 138 -13.69 3.14 7.34
C SER A 138 -14.18 3.91 6.15
N PHE A 139 -13.24 4.45 5.37
CA PHE A 139 -13.61 5.34 4.29
C PHE A 139 -13.69 4.66 2.91
N SER A 140 -14.35 5.36 2.02
CA SER A 140 -14.61 4.80 0.68
C SER A 140 -13.48 5.00 -0.34
N GLU A 141 -12.80 3.94 -0.71
CA GLU A 141 -11.91 4.00 -1.82
C GLU A 141 -12.63 4.21 -3.14
N GLN A 142 -13.79 3.60 -3.26
CA GLN A 142 -14.55 3.70 -4.50
C GLN A 142 -14.90 5.13 -4.87
N GLN A 143 -15.22 5.94 -3.85
CA GLN A 143 -15.49 7.35 -4.13
C GLN A 143 -14.29 7.99 -4.81
N LEU A 144 -13.09 7.69 -4.31
CA LEU A 144 -11.90 8.28 -4.88
C LEU A 144 -11.68 7.83 -6.28
N VAL A 145 -11.82 6.54 -6.48
CA VAL A 145 -11.67 5.94 -7.83
C VAL A 145 -12.65 6.56 -8.84
N ASP A 146 -13.89 6.69 -8.41
CA ASP A 146 -14.95 7.09 -9.36
C ASP A 146 -15.01 8.63 -9.57
N CYS A 147 -14.56 9.41 -8.60
CA CYS A 147 -14.90 10.84 -8.55
C CYS A 147 -13.69 11.78 -8.71
N SER A 148 -12.45 11.31 -8.68
CA SER A 148 -11.32 12.21 -8.63
C SER A 148 -10.55 12.37 -9.93
N ARG A 149 -11.08 11.94 -11.08
CA ARG A 149 -10.42 12.20 -12.37
C ARG A 149 -10.15 13.66 -12.64
N PRO A 150 -11.09 14.57 -12.32
CA PRO A 150 -10.73 15.98 -12.59
C PRO A 150 -9.52 16.51 -11.86
N TRP A 151 -9.09 15.83 -10.82
CA TRP A 151 -7.96 16.20 -9.99
C TRP A 151 -6.73 15.40 -10.42
N GLY A 152 -6.77 14.73 -11.58
CA GLY A 152 -5.63 14.10 -12.15
C GLY A 152 -5.45 12.63 -11.89
N ASN A 153 -6.42 12.00 -11.23
CA ASN A 153 -6.32 10.55 -11.01
C ASN A 153 -6.91 9.77 -12.15
N ASN A 154 -6.59 8.49 -12.18
CA ASN A 154 -6.91 7.57 -13.30
C ASN A 154 -7.53 6.28 -12.87
N GLY A 155 -8.31 6.34 -11.79
CA GLY A 155 -9.05 5.16 -11.34
C GLY A 155 -8.21 3.93 -11.13
N CYS A 156 -8.59 2.83 -11.78
CA CYS A 156 -7.83 1.57 -11.65
C CYS A 156 -6.52 1.58 -12.42
N GLY A 157 -6.30 2.66 -13.15
CA GLY A 157 -5.06 2.89 -13.88
C GLY A 157 -4.02 3.70 -13.13
N GLY A 158 -4.33 4.03 -11.88
CA GLY A 158 -3.37 4.71 -11.00
C GLY A 158 -3.82 6.08 -10.59
N GLY A 159 -3.09 6.66 -9.63
CA GLY A 159 -3.42 7.96 -9.06
C GLY A 159 -2.44 8.32 -8.00
N LEU A 160 -2.74 9.45 -7.34
CA LEU A 160 -1.89 10.00 -6.32
C LEU A 160 -2.69 10.43 -5.10
N MET A 161 -2.14 10.18 -3.93
CA MET A 161 -2.81 10.56 -2.69
C MET A 161 -2.94 12.07 -2.62
N GLU A 162 -1.90 12.79 -3.07
CA GLU A 162 -1.94 14.25 -2.98
C GLU A 162 -2.97 14.86 -3.91
N ASN A 163 -3.28 14.19 -5.01
CA ASN A 163 -4.41 14.60 -5.88
C ASN A 163 -5.74 14.36 -5.18
N ALA A 164 -5.85 13.19 -4.53
CA ALA A 164 -7.04 12.92 -3.75
C ALA A 164 -7.24 13.95 -2.61
N TYR A 165 -6.16 14.39 -1.99
CA TYR A 165 -6.32 15.37 -0.96
C TYR A 165 -6.96 16.66 -1.51
N GLN A 166 -6.54 17.08 -2.71
CA GLN A 166 -7.12 18.24 -3.27
C GLN A 166 -8.62 18.11 -3.53
N TYR A 167 -9.02 16.95 -4.05
CA TYR A 167 -10.44 16.63 -4.16
C TYR A 167 -11.16 16.77 -2.82
N LEU A 168 -10.54 16.22 -1.78
CA LEU A 168 -11.11 16.18 -0.46
C LEU A 168 -11.05 17.49 0.31
N LYS A 169 -10.43 18.51 -0.27
CA LYS A 169 -10.60 19.86 0.27
C LYS A 169 -11.98 20.42 0.04
N GLN A 170 -12.63 19.96 -1.01
CA GLN A 170 -13.95 20.46 -1.38
C GLN A 170 -15.11 19.47 -1.14
N PHE A 171 -14.83 18.20 -1.28
CA PHE A 171 -15.86 17.18 -1.20
C PHE A 171 -15.58 16.26 -0.04
N GLY A 172 -16.63 15.89 0.68
CA GLY A 172 -16.45 15.12 1.86
C GLY A 172 -16.31 13.63 1.56
N LEU A 173 -15.40 13.00 2.28
CA LEU A 173 -15.18 11.56 2.10
C LEU A 173 -16.27 10.73 2.84
N GLU A 174 -16.93 9.86 2.09
CA GLU A 174 -17.97 8.96 2.58
C GLU A 174 -17.37 7.73 3.21
N THR A 175 -18.16 7.05 4.02
CA THR A 175 -17.76 5.76 4.56
C THR A 175 -17.88 4.61 3.53
N GLU A 176 -17.19 3.51 3.81
CA GLU A 176 -17.34 2.29 3.03
C GLU A 176 -18.80 1.84 2.99
N SER A 177 -19.51 1.97 4.08
CA SER A 177 -20.92 1.59 4.11
C SER A 177 -21.77 2.41 3.16
N SER A 178 -21.47 3.69 3.07
CA SER A 178 -22.20 4.56 2.16
C SER A 178 -21.84 4.38 0.68
N TYR A 179 -20.60 3.96 0.42
CA TYR A 179 -20.10 3.92 -0.93
C TYR A 179 -19.08 2.77 -1.05
N PRO A 180 -19.59 1.54 -1.09
CA PRO A 180 -18.70 0.43 -1.00
C PRO A 180 -17.85 0.12 -2.18
N TYR A 181 -16.85 -0.73 -1.98
CA TYR A 181 -15.82 -0.94 -3.00
C TYR A 181 -16.24 -2.05 -3.98
N THR A 182 -16.02 -1.80 -5.28
CA THR A 182 -16.32 -2.74 -6.32
C THR A 182 -15.15 -3.18 -7.18
N ALA A 183 -14.06 -2.44 -7.15
CA ALA A 183 -12.87 -2.69 -7.98
C ALA A 183 -13.04 -2.43 -9.45
N VAL A 184 -14.10 -1.70 -9.77
CA VAL A 184 -14.41 -1.32 -11.16
C VAL A 184 -14.72 0.18 -11.14
N GLU A 185 -14.07 0.96 -11.97
CA GLU A 185 -14.42 2.37 -11.97
C GLU A 185 -15.83 2.55 -12.55
N GLY A 186 -16.65 3.39 -11.92
CA GLY A 186 -17.98 3.70 -12.41
C GLY A 186 -18.25 5.20 -12.27
N GLN A 187 -19.47 5.57 -12.59
CA GLN A 187 -19.89 6.94 -12.51
C GLN A 187 -19.83 7.41 -11.06
N CYS A 188 -19.46 8.66 -10.85
CA CYS A 188 -19.37 9.21 -9.51
C CYS A 188 -20.75 9.24 -8.86
N ARG A 189 -20.84 8.66 -7.65
CA ARG A 189 -22.04 8.63 -6.85
C ARG A 189 -21.94 9.42 -5.56
N TYR A 190 -21.13 10.45 -5.55
CA TYR A 190 -20.98 11.32 -4.41
C TYR A 190 -22.31 11.84 -3.97
N ASN A 191 -22.54 11.75 -2.66
CA ASN A 191 -23.72 12.28 -1.96
C ASN A 191 -23.24 13.14 -0.80
N LYS A 192 -23.40 14.45 -0.96
CA LYS A 192 -22.93 15.39 0.04
C LYS A 192 -23.44 15.11 1.44
N GLN A 193 -24.65 14.57 1.52
CA GLN A 193 -25.27 14.32 2.79
C GLN A 193 -24.56 13.21 3.56
N LEU A 194 -23.77 12.40 2.83
CA LEU A 194 -23.05 11.29 3.42
C LEU A 194 -21.55 11.56 3.56
N GLY A 195 -21.07 12.72 3.17
CA GLY A 195 -19.70 13.07 3.45
C GLY A 195 -19.41 13.22 4.93
N VAL A 196 -18.27 12.70 5.38
CA VAL A 196 -17.94 12.70 6.80
C VAL A 196 -16.72 13.55 7.13
N ALA A 197 -15.73 13.53 6.23
CA ALA A 197 -14.41 14.12 6.52
C ALA A 197 -13.90 14.87 5.35
N LYS A 198 -13.17 15.97 5.61
CA LYS A 198 -12.49 16.73 4.57
C LYS A 198 -11.05 16.98 4.99
N VAL A 199 -10.26 17.38 4.01
CA VAL A 199 -8.87 17.71 4.21
C VAL A 199 -8.75 19.23 4.28
N THR A 200 -7.99 19.72 5.28
CA THR A 200 -7.76 21.15 5.38
C THR A 200 -6.34 21.56 4.97
N GLY A 201 -5.46 20.59 4.77
CA GLY A 201 -4.10 20.82 4.42
C GLY A 201 -3.39 19.49 4.54
N PHE A 202 -2.14 19.41 4.13
CA PHE A 202 -1.41 18.16 4.30
C PHE A 202 0.08 18.40 4.45
N TYR A 203 0.71 17.49 5.18
CA TYR A 203 2.16 17.45 5.30
C TYR A 203 2.75 16.51 4.25
N THR A 204 3.98 16.81 3.82
CA THR A 204 4.71 15.99 2.87
C THR A 204 6.08 15.70 3.39
N VAL A 205 6.58 14.53 3.01
CA VAL A 205 8.00 14.20 3.08
C VAL A 205 8.31 13.62 1.73
N HIS A 206 8.95 14.46 0.88
CA HIS A 206 9.36 14.06 -0.47
C HIS A 206 10.90 14.07 -0.65
N SER A 207 11.60 14.31 0.44
CA SER A 207 13.03 14.60 0.39
C SER A 207 13.94 13.40 0.37
N GLY A 208 13.42 12.21 0.71
CA GLY A 208 14.22 11.02 0.89
C GLY A 208 14.65 10.86 2.34
N SER A 209 14.26 11.76 3.25
CA SER A 209 14.69 11.70 4.62
C SER A 209 13.86 10.76 5.44
N GLU A 210 14.46 9.65 5.81
CA GLU A 210 13.79 8.72 6.68
C GLU A 210 13.64 9.22 8.10
N VAL A 211 14.48 10.16 8.52
CA VAL A 211 14.31 10.79 9.81
C VAL A 211 13.05 11.67 9.81
N GLU A 212 12.85 12.43 8.76
CA GLU A 212 11.68 13.25 8.63
C GLU A 212 10.44 12.39 8.59
N LEU A 213 10.49 11.31 7.84
CA LEU A 213 9.31 10.39 7.80
C LEU A 213 9.05 9.80 9.17
N LYS A 214 10.10 9.41 9.90
CA LYS A 214 9.89 8.88 11.26
C LYS A 214 9.22 9.92 12.15
N ASN A 215 9.69 11.14 12.07
CA ASN A 215 9.10 12.23 12.83
C ASN A 215 7.62 12.39 12.55
N LEU A 216 7.31 12.35 11.26
CA LEU A 216 5.88 12.52 10.81
C LEU A 216 5.02 11.40 11.35
N VAL A 217 5.43 10.18 11.13
CA VAL A 217 4.66 9.02 11.61
C VAL A 217 4.58 9.03 13.13
N GLY A 218 5.71 9.23 13.78
CA GLY A 218 5.73 9.15 15.24
C GLY A 218 4.94 10.23 15.94
N ALA A 219 4.87 11.40 15.33
CA ALA A 219 4.10 12.51 15.93
C ALA A 219 2.62 12.55 15.53
N GLU A 220 2.36 12.25 14.27
CA GLU A 220 1.06 12.54 13.66
C GLU A 220 0.18 11.34 13.41
N GLY A 221 0.76 10.16 13.10
CA GLY A 221 -0.06 9.03 12.78
C GLY A 221 0.37 8.37 11.48
N PRO A 222 -0.42 7.39 11.04
CA PRO A 222 -0.09 6.66 9.79
C PRO A 222 0.05 7.60 8.58
N ALA A 223 1.12 7.41 7.81
CA ALA A 223 1.41 8.31 6.66
C ALA A 223 1.24 7.49 5.36
N ALA A 224 0.63 8.12 4.39
CA ALA A 224 0.59 7.60 3.04
C ALA A 224 1.99 7.63 2.45
N VAL A 225 2.41 6.56 1.81
CA VAL A 225 3.69 6.45 1.16
C VAL A 225 3.58 5.70 -0.15
N ALA A 226 4.55 5.89 -1.05
CA ALA A 226 4.64 5.06 -2.23
C ALA A 226 6.01 4.40 -2.29
N VAL A 227 6.04 3.19 -2.85
CA VAL A 227 7.23 2.40 -2.88
C VAL A 227 7.41 1.79 -4.25
N ASP A 228 8.66 1.45 -4.56
CA ASP A 228 9.03 0.74 -5.80
C ASP A 228 8.87 -0.75 -5.61
N VAL A 229 7.77 -1.30 -6.10
CA VAL A 229 7.45 -2.73 -6.01
C VAL A 229 8.13 -3.49 -7.13
N GLU A 230 8.89 -4.50 -6.75
CA GLU A 230 9.55 -5.47 -7.62
C GLU A 230 9.00 -6.87 -7.37
N SER A 231 9.49 -7.84 -8.15
CA SER A 231 8.93 -9.18 -8.08
C SER A 231 8.94 -9.79 -6.67
N ASP A 232 10.06 -9.66 -5.94
CA ASP A 232 10.08 -10.25 -4.60
C ASP A 232 9.08 -9.55 -3.66
N PHE A 233 8.76 -8.28 -3.90
CA PHE A 233 7.71 -7.60 -3.11
C PHE A 233 6.35 -8.28 -3.36
N MET A 234 6.07 -8.55 -4.63
CA MET A 234 4.83 -9.27 -5.03
C MET A 234 4.73 -10.59 -4.24
N MET A 235 5.87 -11.28 -4.04
CA MET A 235 5.89 -12.57 -3.41
C MET A 235 6.25 -12.57 -1.91
N TYR A 236 6.43 -11.41 -1.31
CA TYR A 236 6.84 -11.31 0.08
C TYR A 236 5.91 -12.03 1.04
N ARG A 237 6.50 -12.77 1.99
CA ARG A 237 5.75 -13.42 3.00
C ARG A 237 6.06 -12.90 4.41
N SER A 238 7.34 -12.83 4.78
CA SER A 238 7.68 -12.46 6.15
C SER A 238 9.07 -11.89 6.26
N GLY A 239 9.33 -11.24 7.39
CA GLY A 239 10.67 -10.77 7.66
C GLY A 239 10.84 -9.34 7.24
N ILE A 240 12.09 -8.89 7.15
CA ILE A 240 12.39 -7.49 6.83
C ILE A 240 12.82 -7.41 5.38
N TYR A 241 11.99 -6.85 4.53
CA TYR A 241 12.25 -6.73 3.11
C TYR A 241 13.31 -5.73 2.83
N GLN A 242 14.19 -6.09 1.88
CA GLN A 242 15.24 -5.23 1.37
C GLN A 242 15.40 -5.53 -0.10
N SER A 243 15.91 -4.58 -0.86
CA SER A 243 16.24 -4.75 -2.26
C SER A 243 17.48 -3.96 -2.61
N GLN A 244 18.37 -4.57 -3.39
CA GLN A 244 19.53 -3.80 -3.92
C GLN A 244 19.25 -3.19 -5.29
N THR A 245 18.09 -3.45 -5.85
CA THR A 245 17.77 -3.01 -7.21
C THR A 245 16.65 -2.02 -7.30
N CYS A 246 16.01 -1.74 -6.17
CA CYS A 246 14.93 -0.76 -6.29
C CYS A 246 15.51 0.66 -6.42
N SER A 247 14.67 1.57 -6.83
CA SER A 247 15.04 2.94 -7.01
C SER A 247 14.04 3.80 -6.36
N PRO A 248 14.52 4.85 -5.70
CA PRO A 248 13.63 5.82 -5.07
C PRO A 248 12.91 6.65 -6.09
N LEU A 249 13.30 6.63 -7.37
CA LEU A 249 12.63 7.36 -8.42
C LEU A 249 11.55 6.57 -9.11
N ARG A 250 11.43 5.29 -8.79
CA ARG A 250 10.52 4.40 -9.51
C ARG A 250 9.35 3.95 -8.65
N VAL A 251 9.01 4.73 -7.62
CA VAL A 251 7.86 4.34 -6.80
C VAL A 251 6.65 4.15 -7.69
N ASN A 252 5.89 3.07 -7.44
CA ASN A 252 4.87 2.68 -8.35
C ASN A 252 3.60 2.03 -7.74
N HIS A 253 3.51 2.07 -6.41
CA HIS A 253 2.36 1.58 -5.71
C HIS A 253 2.32 2.27 -4.35
N ALA A 254 1.13 2.63 -3.87
CA ALA A 254 0.92 3.32 -2.61
C ALA A 254 0.52 2.35 -1.54
N VAL A 255 1.02 2.61 -0.34
CA VAL A 255 0.78 1.85 0.90
C VAL A 255 0.74 2.83 2.09
N LEU A 256 0.77 2.32 3.30
CA LEU A 256 0.53 3.14 4.50
C LEU A 256 1.57 2.76 5.54
N ALA A 257 2.38 3.74 5.95
CA ALA A 257 3.35 3.53 7.03
C ALA A 257 2.67 3.76 8.37
N VAL A 258 2.45 2.64 9.06
CA VAL A 258 1.70 2.71 10.30
C VAL A 258 2.59 2.75 11.55
N GLY A 259 3.90 2.59 11.37
CA GLY A 259 4.83 2.54 12.46
C GLY A 259 6.22 2.21 12.04
N TYR A 260 7.04 1.93 13.06
CA TYR A 260 8.45 1.62 12.83
C TYR A 260 8.99 0.98 14.09
N GLY A 261 10.07 0.27 13.93
CA GLY A 261 10.73 -0.39 15.05
C GLY A 261 12.07 -0.92 14.68
N THR A 262 12.53 -1.89 15.47
CA THR A 262 13.82 -2.48 15.29
C THR A 262 13.78 -3.93 15.76
N GLN A 263 14.46 -4.81 15.05
CA GLN A 263 14.54 -6.23 15.42
C GLN A 263 15.97 -6.64 15.29
N GLY A 264 16.54 -7.12 16.39
CA GLY A 264 17.89 -7.63 16.38
C GLY A 264 18.91 -6.75 15.68
N GLY A 265 18.84 -5.45 15.94
CA GLY A 265 19.75 -4.48 15.33
C GLY A 265 19.25 -3.77 14.06
N THR A 266 18.28 -4.35 13.37
CA THR A 266 17.87 -3.87 12.04
C THR A 266 16.59 -3.07 12.19
N ASP A 267 16.65 -1.81 11.80
CA ASP A 267 15.50 -0.93 11.91
C ASP A 267 14.54 -1.29 10.77
N TYR A 268 13.23 -1.06 11.01
CA TYR A 268 12.22 -1.32 9.97
C TYR A 268 11.06 -0.34 10.04
N TRP A 269 10.35 -0.27 8.90
CA TRP A 269 9.05 0.39 8.80
C TRP A 269 8.00 -0.69 8.86
N ILE A 270 6.86 -0.37 9.46
CA ILE A 270 5.68 -1.23 9.46
C ILE A 270 4.70 -0.67 8.43
N VAL A 271 4.40 -1.45 7.37
CA VAL A 271 3.70 -0.95 6.25
C VAL A 271 2.47 -1.81 5.98
N LYS A 272 1.29 -1.16 5.97
CA LYS A 272 0.04 -1.82 5.63
C LYS A 272 -0.19 -1.78 4.11
N ASN A 273 -0.46 -2.94 3.47
CA ASN A 273 -0.78 -3.02 2.06
C ASN A 273 -2.28 -3.21 1.90
N SER A 274 -2.71 -3.27 0.65
CA SER A 274 -4.10 -3.48 0.29
C SER A 274 -4.24 -4.65 -0.69
N TRP A 275 -3.50 -5.72 -0.40
CA TRP A 275 -3.55 -6.95 -1.14
C TRP A 275 -4.13 -8.11 -0.29
N GLY A 276 -4.96 -7.76 0.70
CA GLY A 276 -5.55 -8.75 1.55
C GLY A 276 -4.62 -9.34 2.56
N LEU A 277 -5.16 -10.20 3.40
CA LEU A 277 -4.37 -10.76 4.48
C LEU A 277 -3.54 -11.97 4.05
N SER A 278 -3.77 -12.48 2.84
CA SER A 278 -3.05 -13.57 2.25
C SER A 278 -1.63 -13.19 1.77
N TRP A 279 -1.36 -11.90 1.64
CA TRP A 279 -0.08 -11.39 1.29
C TRP A 279 0.70 -10.91 2.51
N GLY A 280 1.97 -11.23 2.57
CA GLY A 280 2.80 -10.68 3.62
C GLY A 280 2.49 -11.21 4.99
N GLU A 281 2.76 -10.36 5.99
CA GLU A 281 2.55 -10.69 7.39
C GLU A 281 1.14 -10.23 7.71
N ARG A 282 0.16 -11.11 7.44
CA ARG A 282 -1.26 -10.76 7.56
C ARG A 282 -1.56 -9.41 6.92
N GLY A 283 -1.00 -9.21 5.73
CA GLY A 283 -1.32 -8.04 4.94
C GLY A 283 -0.32 -6.92 5.03
N TYR A 284 0.68 -7.04 5.92
CA TYR A 284 1.69 -6.05 6.18
C TYR A 284 3.03 -6.50 5.64
N ILE A 285 3.90 -5.51 5.50
CA ILE A 285 5.33 -5.76 5.15
C ILE A 285 6.18 -4.92 6.09
N ARG A 286 7.24 -5.51 6.60
CA ARG A 286 8.26 -4.73 7.32
C ARG A 286 9.39 -4.52 6.30
N MET A 287 9.72 -3.26 6.08
CA MET A 287 10.73 -2.84 5.14
C MET A 287 11.90 -2.20 5.87
N VAL A 288 13.11 -2.53 5.49
CA VAL A 288 14.27 -1.99 6.16
C VAL A 288 14.24 -0.47 6.22
N ARG A 289 14.64 0.07 7.37
CA ARG A 289 14.63 1.52 7.62
C ARG A 289 16.03 1.99 7.91
N ASN A 290 16.29 3.24 7.51
CA ASN A 290 17.58 3.86 7.66
C ASN A 290 18.66 3.16 6.84
N ARG A 291 18.30 2.68 5.66
CA ARG A 291 19.22 2.06 4.73
C ARG A 291 19.00 2.55 3.29
N GLY A 292 19.29 3.84 3.07
CA GLY A 292 19.26 4.37 1.74
C GLY A 292 17.91 4.75 1.22
N ASN A 293 16.96 5.06 2.08
CA ASN A 293 15.61 5.36 1.59
C ASN A 293 15.10 4.22 0.74
N MET A 294 15.13 3.00 1.29
CA MET A 294 14.85 1.80 0.56
C MET A 294 13.53 1.84 -0.15
N CYS A 295 13.56 1.59 -1.45
CA CYS A 295 12.38 1.55 -2.31
C CYS A 295 11.58 2.84 -2.36
N GLY A 296 12.23 3.93 -1.99
CA GLY A 296 11.61 5.25 -2.08
C GLY A 296 10.56 5.61 -1.04
N ILE A 297 10.59 4.92 0.10
CA ILE A 297 9.53 5.17 1.08
C ILE A 297 9.39 6.58 1.57
N ALA A 298 10.49 7.34 1.62
CA ALA A 298 10.46 8.75 2.02
C ALA A 298 10.55 9.72 0.84
N SER A 299 10.19 9.23 -0.36
CA SER A 299 10.18 10.05 -1.55
C SER A 299 8.84 10.65 -1.94
N LEU A 300 7.75 10.06 -1.46
CA LEU A 300 6.40 10.51 -1.83
C LEU A 300 5.43 10.32 -0.68
N ALA A 301 5.88 10.69 0.52
CA ALA A 301 5.07 10.48 1.71
C ALA A 301 4.23 11.67 2.01
N SER A 302 3.09 11.46 2.65
CA SER A 302 2.20 12.57 3.01
C SER A 302 1.23 12.16 4.09
N LEU A 303 0.64 13.14 4.76
CA LEU A 303 -0.31 12.92 5.84
C LEU A 303 -1.21 14.12 5.92
N PRO A 304 -2.50 13.92 5.70
CA PRO A 304 -3.43 15.08 5.68
C PRO A 304 -3.88 15.53 7.07
N MET A 305 -4.24 16.81 7.18
CA MET A 305 -4.94 17.31 8.34
C MET A 305 -6.43 17.19 7.98
N VAL A 306 -7.17 16.55 8.87
CA VAL A 306 -8.52 16.12 8.59
C VAL A 306 -9.50 16.80 9.52
N ALA A 307 -10.61 17.21 8.98
CA ALA A 307 -11.67 17.81 9.79
C ALA A 307 -13.03 17.23 9.46
N ARG A 308 -14.01 17.44 10.34
CA ARG A 308 -15.36 17.00 10.05
C ARG A 308 -15.89 17.80 8.84
N PHE A 309 -16.66 17.10 8.01
CA PHE A 309 -17.27 17.69 6.81
C PHE A 309 -18.70 17.93 7.20
N PRO A 310 -19.04 19.21 7.07
CA PRO A 310 -19.04 19.89 8.41
C PRO A 310 -20.22 19.76 9.31
#